data_7L81
#
_entry.id   7L81
#
_cell.length_a   97.050
_cell.length_b   97.050
_cell.length_c   66.032
_cell.angle_alpha   90.000
_cell.angle_beta   90.000
_cell.angle_gamma   120.000
#
_symmetry.space_group_name_H-M   'H 3'
#
loop_
_entity.id
_entity.type
_entity.pdbx_description
1 polymer 'Putative acetyl transferase protein'
2 non-polymer UDP-2-acetamido-4-amino-2,4,6-trideoxy-alpha-D-glucopyranose
3 non-polymer 'COENZYME A'
4 non-polymer 'CHLORIDE ION'
5 non-polymer (4S)-2-METHYL-2,4-PENTANEDIOL
6 water water
#
_entity_poly.entity_id   1
_entity_poly.type   'polypeptide(L)'
_entity_poly.pdbx_seq_one_letter_code
;GGGHMSKVFAVYGASGCGRSLMPVANEQLRILEGDTDSQIVFIDDALDDNITVNGYTAMNYTKFKSIKNDDKFVLIAIAN
SSIRQKIADKLVKDGISLWTVQGMTTLIMDEVSIDAGAALSPFVTIAANVTIGKCFHANLYSYVEHDCIIGDYVTFAPRV
SCNGNIHIHDHAYIGTGAVIKQGTPDKPLIIGKGAIVGMGAVVTKEVPAGAVVIGNPARLLNK
;
_entity_poly.pdbx_strand_id   AAA
#
# COMPACT_ATOMS: atom_id res chain seq x y z
N SER A 6 3.33 -25.69 5.65
CA SER A 6 4.28 -25.03 4.71
C SER A 6 3.57 -23.87 4.00
N LYS A 7 4.35 -22.89 3.52
CA LYS A 7 3.80 -21.66 2.88
C LYS A 7 4.74 -21.19 1.77
N VAL A 8 4.19 -20.43 0.80
CA VAL A 8 5.01 -19.72 -0.22
C VAL A 8 4.53 -18.26 -0.25
N PHE A 9 5.50 -17.34 -0.31
CA PHE A 9 5.27 -15.88 -0.28
C PHE A 9 5.67 -15.31 -1.62
N ALA A 10 5.07 -14.18 -1.97
CA ALA A 10 5.47 -13.46 -3.19
C ALA A 10 5.21 -11.97 -3.04
N VAL A 11 6.01 -11.23 -3.80
CA VAL A 11 5.80 -9.79 -4.09
C VAL A 11 5.38 -9.73 -5.57
N TYR A 12 4.18 -9.25 -5.83
CA TYR A 12 3.62 -9.14 -7.19
C TYR A 12 4.04 -7.78 -7.74
N GLY A 13 4.88 -7.78 -8.77
CA GLY A 13 5.52 -6.58 -9.31
C GLY A 13 6.99 -6.58 -9.04
N ALA A 14 7.81 -6.67 -10.08
CA ALA A 14 9.28 -6.71 -9.93
C ALA A 14 9.90 -5.44 -10.52
N SER A 15 9.11 -4.39 -10.68
CA SER A 15 9.69 -3.07 -11.10
CA SER A 15 9.63 -3.06 -11.10
C SER A 15 10.00 -2.25 -9.85
N GLY A 16 10.00 -0.92 -9.93
CA GLY A 16 10.48 -0.13 -8.81
C GLY A 16 9.70 -0.35 -7.53
N CYS A 17 8.38 -0.40 -7.61
CA CYS A 17 7.56 -0.57 -6.39
C CYS A 17 7.96 -1.89 -5.70
N GLY A 18 8.01 -2.98 -6.46
CA GLY A 18 8.29 -4.31 -5.89
C GLY A 18 9.74 -4.46 -5.42
N ARG A 19 10.70 -3.91 -6.15
CA ARG A 19 12.12 -4.06 -5.77
C ARG A 19 12.43 -3.27 -4.49
N SER A 20 11.72 -2.18 -4.27
CA SER A 20 11.85 -1.40 -3.00
C SER A 20 10.94 -1.93 -1.89
N LEU A 21 10.04 -2.88 -2.20
CA LEU A 21 9.26 -3.55 -1.13
C LEU A 21 9.77 -4.94 -0.78
N MET A 22 10.50 -5.60 -1.67
CA MET A 22 10.99 -6.96 -1.36
C MET A 22 11.81 -7.00 -0.05
N PRO A 23 12.71 -6.03 0.21
CA PRO A 23 13.40 -6.04 1.51
C PRO A 23 12.45 -5.95 2.70
N VAL A 24 11.36 -5.23 2.50
CA VAL A 24 10.35 -5.02 3.55
C VAL A 24 9.60 -6.33 3.76
N ALA A 25 9.21 -6.99 2.69
CA ALA A 25 8.56 -8.31 2.78
C ALA A 25 9.49 -9.27 3.50
N ASN A 26 10.78 -9.22 3.22
CA ASN A 26 11.74 -10.07 3.98
C ASN A 26 11.79 -9.71 5.46
N GLU A 27 11.71 -8.44 5.84
CA GLU A 27 11.63 -8.07 7.29
C GLU A 27 10.37 -8.67 7.89
N GLN A 28 9.23 -8.49 7.22
CA GLN A 28 7.93 -9.03 7.67
C GLN A 28 8.06 -10.54 7.87
N LEU A 29 8.62 -11.24 6.89
CA LEU A 29 8.61 -12.73 6.90
C LEU A 29 9.66 -13.28 7.86
N ARG A 30 10.92 -12.87 7.72
CA ARG A 30 12.09 -13.45 8.44
C ARG A 30 12.09 -12.99 9.89
N ILE A 31 11.68 -11.75 10.15
CA ILE A 31 11.85 -11.18 11.52
C ILE A 31 10.50 -11.12 12.22
N LEU A 32 9.51 -10.37 11.69
CA LEU A 32 8.25 -10.18 12.44
C LEU A 32 7.48 -11.50 12.51
N GLU A 33 7.57 -12.37 11.51
CA GLU A 33 6.87 -13.69 11.56
C GLU A 33 7.85 -14.77 12.03
N GLY A 34 9.15 -14.46 12.11
CA GLY A 34 10.20 -15.41 12.54
C GLY A 34 10.32 -16.62 11.62
N ASP A 35 9.98 -16.47 10.33
CA ASP A 35 9.87 -17.59 9.37
C ASP A 35 11.14 -17.59 8.51
N THR A 36 12.10 -18.48 8.79
CA THR A 36 13.35 -18.60 8.00
C THR A 36 13.23 -19.77 7.01
N ASP A 37 12.06 -20.40 6.92
CA ASP A 37 11.81 -21.64 6.14
C ASP A 37 11.12 -21.32 4.80
N SER A 38 10.08 -20.48 4.81
CA SER A 38 9.20 -20.27 3.64
C SER A 38 9.99 -19.56 2.55
N GLN A 39 9.77 -19.94 1.28
CA GLN A 39 10.35 -19.26 0.12
C GLN A 39 9.54 -18.00 -0.19
N ILE A 40 10.24 -17.01 -0.72
CA ILE A 40 9.62 -15.75 -1.24
C ILE A 40 10.15 -15.52 -2.65
N VAL A 41 9.25 -15.21 -3.56
CA VAL A 41 9.59 -14.96 -4.98
C VAL A 41 8.95 -13.63 -5.42
N PHE A 42 9.35 -13.17 -6.59
CA PHE A 42 8.60 -12.13 -7.33
C PHE A 42 7.63 -12.80 -8.30
N ILE A 43 6.48 -12.18 -8.46
CA ILE A 43 5.58 -12.45 -9.61
C ILE A 43 5.61 -11.22 -10.52
N ASP A 44 5.84 -11.44 -11.81
CA ASP A 44 5.69 -10.33 -12.78
C ASP A 44 5.23 -10.92 -14.12
N ASP A 45 4.13 -10.40 -14.63
CA ASP A 45 3.49 -10.93 -15.87
C ASP A 45 4.22 -10.45 -17.11
N ALA A 46 5.26 -9.63 -16.98
CA ALA A 46 6.14 -9.29 -18.12
C ALA A 46 7.03 -10.48 -18.44
N LEU A 47 7.13 -11.45 -17.52
CA LEU A 47 8.08 -12.55 -17.68
C LEU A 47 7.41 -13.68 -18.48
N ASP A 48 8.20 -14.29 -19.35
CA ASP A 48 7.86 -15.57 -20.00
C ASP A 48 8.60 -16.67 -19.22
N ASP A 49 9.89 -16.75 -19.42
CA ASP A 49 10.77 -17.67 -18.65
C ASP A 49 11.06 -17.03 -17.29
N ASN A 50 11.21 -17.87 -16.27
CA ASN A 50 11.71 -17.40 -14.97
C ASN A 50 13.05 -16.72 -15.15
N ILE A 51 13.30 -15.69 -14.33
CA ILE A 51 14.61 -15.01 -14.20
C ILE A 51 14.88 -14.83 -12.71
N THR A 52 15.98 -14.20 -12.39
CA THR A 52 16.24 -13.70 -11.03
C THR A 52 16.24 -12.18 -11.07
N VAL A 53 15.67 -11.62 -10.01
CA VAL A 53 15.63 -10.16 -9.77
C VAL A 53 16.22 -9.95 -8.38
N ASN A 54 17.38 -9.29 -8.29
CA ASN A 54 18.04 -9.00 -6.99
C ASN A 54 18.21 -10.30 -6.18
N GLY A 55 18.49 -11.43 -6.85
CA GLY A 55 18.81 -12.68 -6.16
C GLY A 55 17.58 -13.48 -5.73
N TYR A 56 16.39 -13.05 -6.15
CA TYR A 56 15.12 -13.79 -5.92
C TYR A 56 14.63 -14.35 -7.25
N THR A 57 14.10 -15.56 -7.22
CA THR A 57 13.37 -16.10 -8.38
C THR A 57 12.18 -15.20 -8.70
N ALA A 58 11.99 -14.90 -10.00
CA ALA A 58 10.89 -14.08 -10.51
C ALA A 58 10.19 -14.85 -11.64
N MET A 59 8.88 -14.96 -11.53
CA MET A 59 8.09 -15.76 -12.50
C MET A 59 6.79 -15.05 -12.81
N ASN A 60 6.13 -15.46 -13.89
CA ASN A 60 4.78 -14.95 -14.15
C ASN A 60 3.72 -15.64 -13.30
N TYR A 61 2.51 -15.11 -13.36
CA TYR A 61 1.43 -15.56 -12.46
C TYR A 61 1.00 -17.00 -12.81
N THR A 62 1.06 -17.35 -14.09
CA THR A 62 0.75 -18.73 -14.55
C THR A 62 1.67 -19.70 -13.78
N LYS A 63 2.96 -19.41 -13.77
CA LYS A 63 3.95 -20.28 -13.07
C LYS A 63 3.67 -20.25 -11.56
N PHE A 64 3.33 -19.09 -10.99
CA PHE A 64 3.11 -19.01 -9.53
C PHE A 64 1.91 -19.88 -9.14
N LYS A 65 0.86 -19.82 -9.95
CA LYS A 65 -0.37 -20.61 -9.73
C LYS A 65 -0.01 -22.10 -9.74
N SER A 66 0.94 -22.49 -10.59
CA SER A 66 1.26 -23.91 -10.83
C SER A 66 2.02 -24.49 -9.64
N ILE A 67 2.64 -23.66 -8.79
CA ILE A 67 3.37 -24.16 -7.58
C ILE A 67 2.40 -25.02 -6.75
N LYS A 68 2.85 -26.22 -6.36
CA LYS A 68 1.99 -27.16 -5.60
C LYS A 68 2.14 -26.85 -4.11
N ASN A 69 1.44 -25.82 -3.68
CA ASN A 69 1.34 -25.41 -2.25
C ASN A 69 -0.05 -24.85 -2.06
N ASP A 70 -0.74 -25.28 -1.01
CA ASP A 70 -2.12 -24.84 -0.73
C ASP A 70 -2.08 -23.46 -0.07
N ASP A 71 -0.91 -22.99 0.36
CA ASP A 71 -0.83 -21.86 1.32
C ASP A 71 0.07 -20.77 0.73
N LYS A 72 -0.51 -19.94 -0.13
CA LYS A 72 0.20 -18.87 -0.86
C LYS A 72 -0.25 -17.51 -0.32
N PHE A 73 0.71 -16.60 -0.21
CA PHE A 73 0.52 -15.27 0.42
C PHE A 73 1.22 -14.26 -0.47
N VAL A 74 0.47 -13.23 -0.88
CA VAL A 74 0.99 -12.29 -1.91
C VAL A 74 0.81 -10.85 -1.41
N LEU A 75 1.91 -10.11 -1.48
CA LEU A 75 1.89 -8.63 -1.39
C LEU A 75 1.83 -8.06 -2.81
N ILE A 76 0.83 -7.27 -3.12
CA ILE A 76 0.78 -6.63 -4.46
C ILE A 76 1.56 -5.31 -4.40
N ALA A 77 2.68 -5.26 -5.10
CA ALA A 77 3.62 -4.11 -5.09
C ALA A 77 3.55 -3.49 -6.48
N ILE A 78 2.37 -2.99 -6.82
CA ILE A 78 2.10 -2.20 -8.06
C ILE A 78 1.32 -0.98 -7.61
N ALA A 79 1.90 0.21 -7.82
CA ALA A 79 1.36 1.45 -7.24
C ALA A 79 0.01 1.80 -7.87
N ASN A 80 -0.16 1.51 -9.15
CA ASN A 80 -1.42 1.81 -9.87
C ASN A 80 -2.54 1.03 -9.21
N SER A 81 -3.54 1.70 -8.66
CA SER A 81 -4.52 1.04 -7.77
C SER A 81 -5.56 0.30 -8.62
N SER A 82 -5.78 0.71 -9.88
CA SER A 82 -6.70 -0.03 -10.78
CA SER A 82 -6.69 -0.03 -10.77
CA SER A 82 -6.69 -0.03 -10.78
C SER A 82 -6.08 -1.41 -11.09
N ILE A 83 -4.77 -1.45 -11.32
CA ILE A 83 -4.08 -2.76 -11.51
C ILE A 83 -4.15 -3.52 -10.18
N ARG A 84 -3.89 -2.86 -9.08
CA ARG A 84 -3.81 -3.55 -7.78
C ARG A 84 -5.16 -4.23 -7.45
N GLN A 85 -6.27 -3.54 -7.71
CA GLN A 85 -7.60 -4.11 -7.45
C GLN A 85 -7.83 -5.31 -8.39
N LYS A 86 -7.50 -5.18 -9.66
CA LYS A 86 -7.68 -6.28 -10.63
C LYS A 86 -6.92 -7.51 -10.16
N ILE A 87 -5.67 -7.34 -9.74
CA ILE A 87 -4.84 -8.47 -9.25
C ILE A 87 -5.43 -9.02 -7.95
N ALA A 88 -5.83 -8.17 -7.00
CA ALA A 88 -6.35 -8.63 -5.70
C ALA A 88 -7.57 -9.51 -5.94
N ASP A 89 -8.44 -9.13 -6.86
CA ASP A 89 -9.70 -9.86 -7.11
C ASP A 89 -9.35 -11.22 -7.73
N LYS A 90 -8.37 -11.22 -8.64
CA LYS A 90 -7.86 -12.47 -9.26
C LYS A 90 -7.31 -13.40 -8.17
N LEU A 91 -6.48 -12.87 -7.27
CA LEU A 91 -5.79 -13.71 -6.24
C LEU A 91 -6.85 -14.37 -5.37
N VAL A 92 -7.83 -13.59 -4.91
CA VAL A 92 -8.83 -14.08 -3.94
C VAL A 92 -9.63 -15.17 -4.65
N LYS A 93 -9.99 -14.96 -5.91
CA LYS A 93 -10.79 -15.91 -6.72
C LYS A 93 -10.01 -17.22 -6.93
N ASP A 94 -8.68 -17.15 -7.04
CA ASP A 94 -7.76 -18.33 -7.19
C ASP A 94 -7.36 -18.92 -5.82
N GLY A 95 -7.93 -18.46 -4.73
CA GLY A 95 -7.69 -19.01 -3.38
C GLY A 95 -6.31 -18.68 -2.84
N ILE A 96 -5.73 -17.56 -3.29
CA ILE A 96 -4.42 -17.06 -2.78
C ILE A 96 -4.71 -15.95 -1.78
N SER A 97 -4.00 -15.94 -0.65
CA SER A 97 -4.19 -14.93 0.43
C SER A 97 -3.45 -13.63 0.07
N LEU A 98 -4.10 -12.52 0.31
CA LEU A 98 -3.40 -11.21 0.37
C LEU A 98 -2.60 -11.15 1.67
N TRP A 99 -1.44 -10.52 1.61
CA TRP A 99 -0.46 -10.53 2.71
C TRP A 99 -0.06 -9.09 3.01
N THR A 100 -0.33 -8.64 4.23
CA THR A 100 0.18 -7.35 4.72
C THR A 100 1.65 -7.47 5.09
N VAL A 101 2.43 -6.48 4.67
CA VAL A 101 3.86 -6.42 4.99
C VAL A 101 4.10 -5.08 5.68
N GLN A 102 4.89 -5.10 6.74
CA GLN A 102 5.46 -3.86 7.32
C GLN A 102 6.94 -4.06 7.59
N GLY A 103 7.67 -2.98 7.72
CA GLY A 103 9.10 -2.97 8.09
C GLY A 103 9.32 -3.01 9.59
N MET A 104 10.55 -3.28 9.98
CA MET A 104 10.98 -3.26 11.40
CA MET A 104 10.95 -3.26 11.41
C MET A 104 10.78 -1.85 11.98
N THR A 105 10.87 -0.81 11.16
CA THR A 105 10.70 0.59 11.64
C THR A 105 9.28 1.12 11.39
N THR A 106 8.35 0.32 10.88
CA THR A 106 6.95 0.73 10.76
C THR A 106 6.28 0.76 12.14
N LEU A 107 5.72 1.90 12.53
CA LEU A 107 5.07 2.08 13.85
C LEU A 107 3.56 2.03 13.72
N ILE A 108 2.96 1.07 14.39
CA ILE A 108 1.48 0.94 14.45
C ILE A 108 1.05 1.23 15.87
N MET A 109 0.13 2.19 16.04
CA MET A 109 -0.32 2.60 17.37
C MET A 109 -1.60 1.85 17.75
N ASP A 110 -2.35 2.36 18.73
CA ASP A 110 -3.44 1.61 19.36
C ASP A 110 -4.69 1.64 18.50
N GLU A 111 -5.45 0.53 18.52
CA GLU A 111 -6.79 0.39 17.91
CA GLU A 111 -6.81 0.48 17.93
C GLU A 111 -6.73 0.80 16.43
N VAL A 112 -5.79 0.18 15.73
CA VAL A 112 -5.61 0.33 14.27
C VAL A 112 -6.16 -0.93 13.58
N SER A 113 -6.97 -0.72 12.56
CA SER A 113 -7.56 -1.77 11.72
CA SER A 113 -7.51 -1.81 11.72
C SER A 113 -7.05 -1.59 10.28
N ILE A 114 -6.36 -2.58 9.74
CA ILE A 114 -5.84 -2.49 8.36
C ILE A 114 -6.25 -3.78 7.64
N ASP A 115 -7.00 -3.66 6.55
CA ASP A 115 -7.38 -4.87 5.76
C ASP A 115 -6.15 -5.55 5.17
N ALA A 116 -6.27 -6.85 4.93
CA ALA A 116 -5.19 -7.66 4.36
C ALA A 116 -4.64 -7.04 3.07
N GLY A 117 -3.32 -7.17 2.91
CA GLY A 117 -2.63 -6.84 1.65
C GLY A 117 -1.98 -5.47 1.63
N ALA A 118 -1.90 -4.80 2.78
CA ALA A 118 -1.25 -3.47 2.84
C ALA A 118 0.26 -3.61 2.62
N ALA A 119 0.85 -2.63 1.95
CA ALA A 119 2.31 -2.46 1.85
C ALA A 119 2.69 -1.26 2.73
N LEU A 120 3.22 -1.54 3.93
CA LEU A 120 3.52 -0.47 4.93
C LEU A 120 5.05 -0.35 4.97
N SER A 121 5.58 0.69 4.33
CA SER A 121 7.04 0.82 4.14
C SER A 121 7.73 1.16 5.46
N PRO A 122 9.07 1.00 5.50
CA PRO A 122 9.88 1.58 6.57
C PRO A 122 9.54 3.04 6.86
N PHE A 123 9.66 3.35 8.16
CA PHE A 123 9.51 4.71 8.71
C PHE A 123 8.08 5.21 8.57
N VAL A 124 7.12 4.33 8.31
CA VAL A 124 5.69 4.71 8.27
C VAL A 124 5.14 4.66 9.69
N THR A 125 4.26 5.62 10.01
CA THR A 125 3.48 5.64 11.25
C THR A 125 2.00 5.55 10.89
N ILE A 126 1.30 4.58 11.51
CA ILE A 126 -0.18 4.55 11.49
C ILE A 126 -0.60 4.79 12.92
N ALA A 127 -1.15 5.97 13.15
CA ALA A 127 -1.39 6.47 14.50
C ALA A 127 -2.71 5.91 15.07
N ALA A 128 -3.12 6.45 16.20
CA ALA A 128 -4.19 5.86 17.03
C ALA A 128 -5.54 5.91 16.32
N ASN A 129 -6.30 4.82 16.46
CA ASN A 129 -7.75 4.82 16.09
C ASN A 129 -7.92 5.10 14.61
N VAL A 130 -7.08 4.49 13.78
CA VAL A 130 -7.12 4.56 12.31
C VAL A 130 -7.74 3.28 11.75
N THR A 131 -8.57 3.45 10.71
CA THR A 131 -9.14 2.34 9.95
C THR A 131 -8.73 2.45 8.49
N ILE A 132 -8.19 1.39 7.92
CA ILE A 132 -7.69 1.36 6.52
C ILE A 132 -8.27 0.15 5.79
N GLY A 133 -8.74 0.42 4.58
CA GLY A 133 -9.31 -0.62 3.70
C GLY A 133 -8.26 -1.40 2.95
N LYS A 134 -8.68 -1.97 1.81
CA LYS A 134 -7.97 -3.04 1.07
C LYS A 134 -6.68 -2.51 0.44
N CYS A 135 -5.63 -3.35 0.43
CA CYS A 135 -4.36 -3.15 -0.32
C CYS A 135 -3.91 -1.69 -0.27
N PHE A 136 -3.82 -1.13 0.92
CA PHE A 136 -3.28 0.22 1.10
C PHE A 136 -1.78 0.21 0.78
N HIS A 137 -1.29 1.23 0.07
CA HIS A 137 0.16 1.48 -0.08
C HIS A 137 0.53 2.70 0.78
N ALA A 138 1.35 2.49 1.79
CA ALA A 138 1.97 3.59 2.56
C ALA A 138 3.46 3.57 2.31
N ASN A 139 3.89 4.35 1.32
CA ASN A 139 5.31 4.36 0.94
C ASN A 139 6.13 5.09 2.02
N LEU A 140 7.43 4.93 1.89
CA LEU A 140 8.47 5.35 2.87
C LEU A 140 8.13 6.67 3.54
N TYR A 141 8.19 6.69 4.88
CA TYR A 141 8.07 7.92 5.70
C TYR A 141 6.63 8.41 5.78
N SER A 142 5.66 7.82 5.10
CA SER A 142 4.29 8.34 5.20
C SER A 142 3.74 8.17 6.61
N TYR A 143 2.77 9.00 6.95
CA TYR A 143 2.01 8.75 8.18
C TYR A 143 0.53 9.00 7.96
N VAL A 144 -0.26 8.27 8.76
CA VAL A 144 -1.71 8.50 8.86
C VAL A 144 -1.99 8.75 10.34
N GLU A 145 -2.45 9.97 10.64
CA GLU A 145 -2.64 10.37 12.04
C GLU A 145 -4.02 9.93 12.52
N HIS A 146 -4.28 10.25 13.77
CA HIS A 146 -5.42 9.74 14.57
C HIS A 146 -6.76 9.95 13.87
N ASP A 147 -7.60 8.93 13.96
CA ASP A 147 -9.05 9.02 13.63
C ASP A 147 -9.26 9.12 12.12
N CYS A 148 -8.25 8.83 11.30
CA CYS A 148 -8.44 8.78 9.85
C CYS A 148 -9.22 7.52 9.47
N ILE A 149 -9.95 7.63 8.36
CA ILE A 149 -10.58 6.47 7.69
C ILE A 149 -10.12 6.47 6.25
N ILE A 150 -9.33 5.46 5.91
CA ILE A 150 -8.75 5.26 4.54
CA ILE A 150 -8.81 5.29 4.52
C ILE A 150 -9.58 4.15 3.86
N GLY A 151 -10.05 4.41 2.65
CA GLY A 151 -10.84 3.42 1.91
C GLY A 151 -9.97 2.37 1.24
N ASP A 152 -10.48 1.79 0.15
CA ASP A 152 -9.85 0.65 -0.53
C ASP A 152 -8.97 1.18 -1.65
N TYR A 153 -7.81 0.52 -1.82
CA TYR A 153 -6.88 0.74 -2.95
C TYR A 153 -6.44 2.21 -2.95
N VAL A 154 -6.15 2.76 -1.78
CA VAL A 154 -5.58 4.11 -1.65
C VAL A 154 -4.05 3.95 -1.74
N THR A 155 -3.42 4.94 -2.34
CA THR A 155 -1.96 4.86 -2.62
C THR A 155 -1.31 6.16 -2.12
N PHE A 156 -0.35 6.02 -1.20
CA PHE A 156 0.54 7.14 -0.81
C PHE A 156 1.92 6.94 -1.44
N ALA A 157 2.41 7.98 -2.06
CA ALA A 157 3.84 8.15 -2.39
C ALA A 157 4.63 8.28 -1.09
N PRO A 158 5.98 8.35 -1.15
CA PRO A 158 6.75 8.61 0.06
C PRO A 158 6.35 9.94 0.71
N ARG A 159 6.50 9.95 2.02
CA ARG A 159 6.57 11.20 2.80
C ARG A 159 5.23 11.94 2.75
N VAL A 160 4.14 11.22 2.64
CA VAL A 160 2.81 11.84 2.73
C VAL A 160 2.52 12.13 4.20
N SER A 161 2.05 13.35 4.47
CA SER A 161 1.67 13.79 5.83
C SER A 161 0.16 13.86 5.90
N CYS A 162 -0.51 12.74 6.20
CA CYS A 162 -1.97 12.68 6.33
C CYS A 162 -2.30 12.91 7.82
N ASN A 163 -2.70 14.14 8.15
CA ASN A 163 -2.99 14.55 9.54
C ASN A 163 -4.32 13.94 10.02
N GLY A 164 -4.73 14.30 11.23
CA GLY A 164 -5.85 13.60 11.87
C GLY A 164 -7.21 13.96 11.28
N ASN A 165 -8.19 13.08 11.48
CA ASN A 165 -9.60 13.35 11.10
C ASN A 165 -9.69 13.65 9.60
N ILE A 166 -8.98 12.86 8.80
CA ILE A 166 -9.07 12.84 7.33
C ILE A 166 -9.72 11.54 6.88
N HIS A 167 -10.64 11.66 5.93
CA HIS A 167 -11.30 10.51 5.26
C HIS A 167 -10.85 10.48 3.81
N ILE A 168 -10.11 9.46 3.41
CA ILE A 168 -9.62 9.32 2.02
C ILE A 168 -10.42 8.19 1.39
N HIS A 169 -11.17 8.54 0.37
CA HIS A 169 -12.05 7.58 -0.33
C HIS A 169 -11.25 6.69 -1.29
N ASP A 170 -11.93 5.69 -1.86
CA ASP A 170 -11.27 4.63 -2.62
C ASP A 170 -10.44 5.20 -3.77
N HIS A 171 -9.31 4.55 -4.03
CA HIS A 171 -8.49 4.76 -5.23
C HIS A 171 -7.87 6.17 -5.28
N ALA A 172 -7.94 6.95 -4.21
CA ALA A 172 -7.19 8.22 -4.20
C ALA A 172 -5.68 7.94 -4.28
N TYR A 173 -4.95 8.91 -4.79
CA TYR A 173 -3.48 8.87 -4.88
C TYR A 173 -2.96 10.14 -4.25
N ILE A 174 -2.04 10.01 -3.30
CA ILE A 174 -1.43 11.20 -2.64
C ILE A 174 0.06 11.20 -2.98
N GLY A 175 0.53 12.27 -3.62
CA GLY A 175 1.91 12.34 -4.14
C GLY A 175 2.98 12.69 -3.12
N THR A 176 4.23 12.60 -3.53
CA THR A 176 5.42 12.66 -2.64
C THR A 176 5.40 13.96 -1.84
N GLY A 177 5.50 13.86 -0.52
CA GLY A 177 5.67 15.03 0.35
C GLY A 177 4.42 15.89 0.49
N ALA A 178 3.28 15.46 -0.04
CA ALA A 178 2.05 16.23 0.14
C ALA A 178 1.70 16.30 1.61
N VAL A 179 1.12 17.43 1.99
CA VAL A 179 0.64 17.70 3.37
CA VAL A 179 0.63 17.64 3.37
C VAL A 179 -0.86 17.94 3.33
N ILE A 180 -1.61 17.28 4.20
CA ILE A 180 -3.07 17.45 4.25
C ILE A 180 -3.41 17.98 5.63
N LYS A 181 -4.12 19.10 5.67
CA LYS A 181 -4.60 19.69 6.93
C LYS A 181 -5.51 18.70 7.66
N GLN A 182 -5.44 18.67 9.00
CA GLN A 182 -6.36 17.86 9.81
C GLN A 182 -7.80 18.35 9.62
N GLY A 183 -8.73 17.41 9.70
CA GLY A 183 -10.13 17.73 9.94
C GLY A 183 -10.40 17.96 11.41
N THR A 184 -11.69 17.98 11.75
CA THR A 184 -12.18 17.98 13.15
C THR A 184 -13.12 16.80 13.30
N PRO A 185 -13.43 16.39 14.55
CA PRO A 185 -14.47 15.36 14.76
C PRO A 185 -15.78 15.71 14.04
N ASP A 186 -16.22 16.97 14.09
CA ASP A 186 -17.51 17.39 13.47
C ASP A 186 -17.40 17.45 11.94
N LYS A 187 -16.20 17.66 11.40
CA LYS A 187 -16.00 17.84 9.95
C LYS A 187 -14.67 17.20 9.56
N PRO A 188 -14.66 15.89 9.25
CA PRO A 188 -13.47 15.26 8.69
C PRO A 188 -13.16 15.95 7.36
N LEU A 189 -11.88 16.13 7.04
CA LEU A 189 -11.48 16.65 5.73
C LEU A 189 -11.50 15.45 4.78
N ILE A 190 -12.24 15.55 3.69
CA ILE A 190 -12.44 14.43 2.76
C ILE A 190 -11.56 14.61 1.53
N ILE A 191 -10.86 13.53 1.16
CA ILE A 191 -10.24 13.39 -0.19
C ILE A 191 -11.13 12.43 -0.96
N GLY A 192 -11.71 12.91 -2.05
CA GLY A 192 -12.74 12.17 -2.78
C GLY A 192 -12.20 10.98 -3.54
N LYS A 193 -13.12 10.14 -3.96
CA LYS A 193 -12.81 8.89 -4.69
C LYS A 193 -11.99 9.20 -5.94
N GLY A 194 -10.86 8.51 -6.12
CA GLY A 194 -10.04 8.66 -7.32
C GLY A 194 -9.43 10.03 -7.47
N ALA A 195 -9.37 10.84 -6.42
CA ALA A 195 -8.65 12.14 -6.46
C ALA A 195 -7.14 11.90 -6.52
N ILE A 196 -6.45 12.85 -7.15
CA ILE A 196 -4.97 12.86 -7.24
C ILE A 196 -4.48 14.13 -6.58
N VAL A 197 -3.68 13.97 -5.52
CA VAL A 197 -2.99 15.10 -4.88
C VAL A 197 -1.53 15.06 -5.32
N GLY A 198 -1.07 16.13 -5.95
CA GLY A 198 0.26 16.17 -6.57
C GLY A 198 1.37 16.22 -5.54
N MET A 199 2.58 15.81 -5.94
CA MET A 199 3.83 16.00 -5.15
CA MET A 199 3.79 15.97 -5.08
C MET A 199 3.85 17.40 -4.53
N GLY A 200 4.16 17.50 -3.24
CA GLY A 200 4.39 18.79 -2.56
C GLY A 200 3.13 19.63 -2.38
N ALA A 201 1.94 19.12 -2.71
CA ALA A 201 0.69 19.89 -2.59
C ALA A 201 0.45 20.12 -1.10
N VAL A 202 -0.08 21.29 -0.79
CA VAL A 202 -0.47 21.65 0.59
C VAL A 202 -1.99 21.79 0.57
N VAL A 203 -2.66 20.78 1.08
CA VAL A 203 -4.14 20.65 0.95
C VAL A 203 -4.77 21.18 2.24
N THR A 204 -5.63 22.20 2.13
CA THR A 204 -6.27 22.82 3.31
C THR A 204 -7.79 22.73 3.24
N LYS A 205 -8.35 22.12 2.20
CA LYS A 205 -9.81 21.98 2.03
C LYS A 205 -10.13 20.63 1.42
N GLU A 206 -11.40 20.24 1.50
CA GLU A 206 -11.93 19.02 0.86
C GLU A 206 -11.50 18.99 -0.61
N VAL A 207 -11.08 17.82 -1.07
CA VAL A 207 -10.76 17.57 -2.50
C VAL A 207 -11.88 16.76 -3.11
N PRO A 208 -12.55 17.30 -4.15
CA PRO A 208 -13.63 16.57 -4.79
C PRO A 208 -13.16 15.25 -5.39
N ALA A 209 -14.11 14.29 -5.49
CA ALA A 209 -13.91 13.04 -6.23
C ALA A 209 -13.38 13.35 -7.63
N GLY A 210 -12.33 12.65 -8.05
CA GLY A 210 -11.77 12.72 -9.40
C GLY A 210 -10.98 13.98 -9.66
N ALA A 211 -10.82 14.87 -8.67
CA ALA A 211 -10.08 16.13 -8.84
C ALA A 211 -8.58 15.85 -8.90
N VAL A 212 -7.84 16.66 -9.64
CA VAL A 212 -6.35 16.70 -9.57
C VAL A 212 -5.95 18.05 -8.96
N VAL A 213 -5.21 18.02 -7.86
CA VAL A 213 -4.84 19.27 -7.16
C VAL A 213 -3.33 19.30 -7.01
N ILE A 214 -2.75 20.49 -7.15
CA ILE A 214 -1.29 20.74 -7.09
C ILE A 214 -1.06 22.06 -6.38
N GLY A 215 0.15 22.21 -5.86
CA GLY A 215 0.67 23.52 -5.41
C GLY A 215 0.45 23.81 -3.95
N ASN A 216 0.95 24.97 -3.57
CA ASN A 216 0.86 25.54 -2.23
C ASN A 216 0.39 26.97 -2.35
N PRO A 217 -0.89 27.27 -2.07
CA PRO A 217 -1.88 26.28 -1.66
C PRO A 217 -2.40 25.37 -2.78
N ALA A 218 -2.98 24.23 -2.45
CA ALA A 218 -3.46 23.29 -3.49
C ALA A 218 -4.54 23.98 -4.33
N ARG A 219 -4.51 23.79 -5.64
CA ARG A 219 -5.55 24.28 -6.57
C ARG A 219 -5.85 23.18 -7.60
N LEU A 220 -7.02 23.21 -8.24
CA LEU A 220 -7.35 22.29 -9.37
C LEU A 220 -6.34 22.46 -10.50
N LEU A 221 -5.97 21.36 -11.16
CA LEU A 221 -5.03 21.34 -12.31
C LEU A 221 -5.82 21.08 -13.59
#